data_9H4X
#
_entry.id   9H4X
#
_cell.length_a   92.015
_cell.length_b   70.499
_cell.length_c   72.609
_cell.angle_alpha   90
_cell.angle_beta   95.51
_cell.angle_gamma   90
#
_symmetry.space_group_name_H-M   'C 1 2 1'
#
loop_
_entity.id
_entity.type
_entity.pdbx_description
1 polymer 'Glycerol-1-phosphate dehydrogenase [NAD(P)+]'
2 non-polymer 1,3-DIHYDROXYACETONEPHOSPHATE
3 non-polymer '1,4-DIHYDRONICOTINAMIDE ADENINE DINUCLEOTIDE'
4 non-polymer 'NICKEL (II) ION'
5 water water
#
_entity_poly.entity_id   1
_entity_poly.type   'polypeptide(L)'
_entity_poly.pdbx_seq_one_letter_code
;MGSSHHHHHHSSGLVPRGSHMNRIAADVQRAFENAGEKTLPIKVEEIVLGKQAADSLLDYVKRKNNQHIVLVCDANTHRI
AGIDLENRLNQEGFQAECLIIPENEAGDVTADERSLIHVLIHTKQPTDVMIAVGSGTIHDIVRFAAFQRDLPFISYPTAP
SVDGFTSAGAPIILYGTKTTIQTKAPSALFADLDLLKAAPQSMVAAGFGDMLGKITSLADWEISRHLAGEPYSPAGAKIV
QEALAACIEHTEDIAMKTETGIRVLMESLLVSGLVMLALDHSRPASGGEHHISHWIEMELMEKKRPQILHGAKVGCAAVL
LTDTYRKLAQDDGLNEFSPSRREAIQSAYQTLPRGEVLADWLRSAGGPAYFDEIGVGQDSVKNAFRHAHTLRDRCTGLRI
INENKTLINHGLYE
;
_entity_poly.pdbx_strand_id   A
#
loop_
_chem_comp.id
_chem_comp.type
_chem_comp.name
_chem_comp.formula
13P non-polymer 1,3-DIHYDROXYACETONEPHOSPHATE 'C3 H7 O6 P'
NAI non-polymer '1,4-DIHYDRONICOTINAMIDE ADENINE DINUCLEOTIDE' 'C21 H29 N7 O14 P2'
NI non-polymer 'NICKEL (II) ION' 'Ni 2'
#
# COMPACT_ATOMS: atom_id res chain seq x y z
N LEU A 14 -28.65 -3.16 5.46
CA LEU A 14 -27.95 -2.06 6.18
C LEU A 14 -27.59 -0.93 5.22
N VAL A 15 -26.86 -1.24 4.13
CA VAL A 15 -26.61 -0.27 3.06
C VAL A 15 -26.66 -0.96 1.69
N PRO A 16 -27.58 -0.58 0.77
CA PRO A 16 -27.62 -1.10 -0.60
C PRO A 16 -26.44 -0.57 -1.40
N ARG A 17 -25.96 0.64 -1.06
CA ARG A 17 -24.75 1.21 -1.64
C ARG A 17 -23.51 0.38 -1.23
N GLY A 18 -23.52 -0.17 0.00
CA GLY A 18 -22.58 -1.20 0.44
C GLY A 18 -22.62 -2.39 -0.51
N SER A 19 -23.77 -3.07 -0.60
CA SER A 19 -23.95 -4.21 -1.48
C SER A 19 -24.43 -3.81 -2.89
N HIS A 20 -23.71 -2.88 -3.54
CA HIS A 20 -24.12 -2.34 -4.83
C HIS A 20 -22.96 -1.59 -5.48
N MET A 21 -22.46 -0.56 -4.78
CA MET A 21 -21.43 0.35 -5.28
C MET A 21 -20.10 0.07 -4.59
N ASN A 22 -19.99 -1.18 -4.10
CA ASN A 22 -18.81 -1.66 -3.40
C ASN A 22 -18.77 -3.20 -3.44
N ARG A 23 -18.81 -3.74 -4.67
CA ARG A 23 -18.82 -5.18 -4.91
C ARG A 23 -17.51 -5.82 -4.44
N ILE A 24 -16.37 -5.09 -4.58
CA ILE A 24 -15.07 -5.54 -4.08
C ILE A 24 -15.17 -5.84 -2.58
N ALA A 25 -15.39 -4.80 -1.77
CA ALA A 25 -15.42 -4.93 -0.31
C ALA A 25 -16.55 -5.86 0.14
N ALA A 26 -17.66 -5.83 -0.60
CA ALA A 26 -18.81 -6.67 -0.33
C ALA A 26 -18.44 -8.15 -0.37
N ASP A 27 -17.63 -8.54 -1.39
CA ASP A 27 -17.23 -9.93 -1.63
C ASP A 27 -16.08 -10.39 -0.74
N VAL A 28 -15.18 -9.46 -0.38
CA VAL A 28 -14.18 -9.66 0.64
C VAL A 28 -14.84 -10.03 1.95
N GLN A 29 -15.79 -9.20 2.39
CA GLN A 29 -16.52 -9.49 3.62
C GLN A 29 -17.29 -10.80 3.50
N ARG A 30 -17.83 -11.05 2.32
CA ARG A 30 -18.58 -12.28 2.12
C ARG A 30 -17.68 -13.48 2.40
N ALA A 31 -16.41 -13.42 1.93
CA ALA A 31 -15.42 -14.47 2.15
C ALA A 31 -15.12 -14.68 3.64
N PHE A 32 -14.69 -13.62 4.32
CA PHE A 32 -14.47 -13.67 5.75
C PHE A 32 -15.66 -14.27 6.52
N GLU A 33 -16.89 -13.88 6.14
CA GLU A 33 -18.10 -14.38 6.77
C GLU A 33 -18.32 -15.87 6.47
N ASN A 34 -18.01 -16.30 5.25
CA ASN A 34 -18.16 -17.70 4.84
C ASN A 34 -17.14 -18.61 5.52
N ALA A 35 -16.04 -18.03 6.03
CA ALA A 35 -15.11 -18.77 6.85
C ALA A 35 -15.34 -18.47 8.32
N GLY A 36 -16.56 -18.02 8.64
CA GLY A 36 -16.98 -17.79 10.01
C GLY A 36 -15.99 -16.93 10.81
N GLU A 37 -15.60 -15.77 10.26
CA GLU A 37 -14.63 -14.91 10.92
C GLU A 37 -15.23 -13.55 11.31
N LYS A 38 -14.93 -13.12 12.55
CA LYS A 38 -15.15 -11.78 13.05
C LYS A 38 -14.18 -10.79 12.41
N THR A 39 -14.70 -9.72 11.81
CA THR A 39 -13.87 -8.66 11.24
C THR A 39 -14.49 -7.31 11.57
N LEU A 40 -13.67 -6.25 11.64
CA LEU A 40 -14.20 -4.90 11.74
C LEU A 40 -14.98 -4.59 10.47
N PRO A 41 -16.26 -4.14 10.58
CA PRO A 41 -17.00 -3.66 9.40
C PRO A 41 -16.20 -2.67 8.56
N ILE A 42 -16.28 -2.82 7.24
CA ILE A 42 -15.58 -1.92 6.32
C ILE A 42 -16.35 -0.60 6.28
N LYS A 43 -15.64 0.53 6.41
CA LYS A 43 -16.24 1.86 6.58
C LYS A 43 -15.95 2.72 5.35
N VAL A 44 -15.63 2.05 4.23
CA VAL A 44 -15.59 2.66 2.92
C VAL A 44 -16.89 2.27 2.22
N GLU A 45 -17.70 3.28 1.91
CA GLU A 45 -19.06 3.07 1.47
C GLU A 45 -19.15 2.68 0.00
N GLU A 46 -18.29 3.30 -0.83
CA GLU A 46 -18.23 3.04 -2.26
C GLU A 46 -16.76 2.88 -2.66
N ILE A 47 -16.50 1.84 -3.46
CA ILE A 47 -15.25 1.69 -4.19
C ILE A 47 -15.64 1.45 -5.64
N VAL A 48 -15.42 2.49 -6.45
CA VAL A 48 -15.70 2.44 -7.87
C VAL A 48 -14.34 2.35 -8.59
N LEU A 49 -14.25 1.41 -9.52
CA LEU A 49 -13.05 1.22 -10.29
C LEU A 49 -13.48 1.03 -11.73
N GLY A 50 -13.32 2.08 -12.53
CA GLY A 50 -13.69 1.93 -13.91
C GLY A 50 -13.61 3.23 -14.69
N LYS A 51 -14.20 3.17 -15.89
CA LYS A 51 -14.33 4.30 -16.77
C LYS A 51 -15.10 5.38 -16.02
N GLN A 52 -14.82 6.65 -16.37
CA GLN A 52 -15.48 7.79 -15.79
C GLN A 52 -15.02 7.91 -14.33
N ALA A 53 -15.74 7.20 -13.43
CA ALA A 53 -15.56 7.27 -11.99
C ALA A 53 -15.89 8.65 -11.45
N ALA A 54 -15.60 9.73 -12.20
CA ALA A 54 -16.06 11.08 -11.87
C ALA A 54 -17.59 11.17 -11.91
N ASP A 55 -18.24 10.42 -12.80
CA ASP A 55 -19.69 10.32 -12.81
C ASP A 55 -20.17 9.95 -11.42
N SER A 56 -19.65 8.83 -10.88
CA SER A 56 -20.04 8.26 -9.59
C SER A 56 -19.58 9.12 -8.41
N LEU A 57 -18.41 9.75 -8.54
CA LEU A 57 -17.91 10.72 -7.57
C LEU A 57 -18.98 11.80 -7.40
N LEU A 58 -19.43 12.39 -8.52
CA LEU A 58 -20.42 13.46 -8.54
C LEU A 58 -21.74 12.98 -7.94
N ASP A 59 -22.17 11.79 -8.36
CA ASP A 59 -23.36 11.16 -7.80
C ASP A 59 -23.29 11.07 -6.29
N TYR A 60 -22.09 10.79 -5.76
CA TYR A 60 -21.92 10.55 -4.34
C TYR A 60 -21.97 11.86 -3.58
N VAL A 61 -21.24 12.87 -4.06
CA VAL A 61 -21.25 14.17 -3.41
C VAL A 61 -22.65 14.81 -3.44
N LYS A 62 -23.39 14.57 -4.53
CA LYS A 62 -24.79 14.89 -4.61
C LYS A 62 -25.57 14.17 -3.52
N ARG A 63 -25.52 12.83 -3.52
CA ARG A 63 -26.25 12.02 -2.56
C ARG A 63 -25.99 12.43 -1.11
N LYS A 64 -24.74 12.69 -0.76
CA LYS A 64 -24.35 13.06 0.59
C LYS A 64 -24.52 14.56 0.83
N ASN A 65 -25.01 15.29 -0.19
CA ASN A 65 -25.36 16.71 -0.08
C ASN A 65 -24.14 17.54 0.36
N ASN A 66 -23.01 17.31 -0.31
CA ASN A 66 -21.79 18.06 -0.08
C ASN A 66 -21.98 19.41 -0.76
N GLN A 67 -21.06 20.37 -0.56
CA GLN A 67 -21.17 21.66 -1.23
C GLN A 67 -19.80 22.29 -1.39
N HIS A 68 -19.11 22.47 -0.26
CA HIS A 68 -17.78 23.07 -0.19
C HIS A 68 -16.73 21.97 -0.21
N ILE A 69 -16.24 21.66 -1.42
CA ILE A 69 -15.35 20.54 -1.68
C ILE A 69 -13.91 21.00 -1.89
N VAL A 70 -12.99 20.40 -1.12
CA VAL A 70 -11.58 20.65 -1.29
C VAL A 70 -10.95 19.46 -1.97
N LEU A 71 -10.11 19.73 -2.97
CA LEU A 71 -9.38 18.68 -3.66
C LEU A 71 -7.90 18.93 -3.42
N VAL A 72 -7.25 18.10 -2.59
CA VAL A 72 -5.82 18.25 -2.34
C VAL A 72 -5.04 17.49 -3.41
N CYS A 73 -4.19 18.27 -4.09
CA CYS A 73 -3.47 17.89 -5.30
C CYS A 73 -2.03 18.35 -5.09
N ASP A 74 -1.14 17.99 -6.02
CA ASP A 74 0.18 18.57 -6.10
C ASP A 74 0.49 18.96 -7.55
N ALA A 75 1.70 19.46 -7.80
CA ALA A 75 2.10 19.96 -9.12
C ALA A 75 1.57 19.09 -10.26
N ASN A 76 1.64 17.78 -10.07
CA ASN A 76 1.43 16.83 -11.15
C ASN A 76 -0.05 16.43 -11.15
N THR A 77 -0.58 16.07 -9.96
CA THR A 77 -1.93 15.53 -9.83
C THR A 77 -2.96 16.63 -10.09
N HIS A 78 -2.60 17.89 -9.81
CA HIS A 78 -3.39 19.04 -10.24
C HIS A 78 -3.65 18.93 -11.73
N ARG A 79 -2.56 18.79 -12.50
CA ARG A 79 -2.59 18.75 -13.95
C ARG A 79 -3.37 17.55 -14.48
N ILE A 80 -3.05 16.32 -14.02
CA ILE A 80 -3.59 15.13 -14.66
C ILE A 80 -4.91 14.66 -14.03
N ALA A 81 -5.49 15.43 -13.09
CA ALA A 81 -6.71 14.98 -12.45
C ALA A 81 -7.48 16.13 -11.78
N GLY A 82 -6.75 16.98 -11.06
CA GLY A 82 -7.32 18.02 -10.20
C GLY A 82 -8.20 19.02 -10.95
N ILE A 83 -7.70 19.54 -12.10
CA ILE A 83 -8.39 20.58 -12.86
C ILE A 83 -9.68 20.02 -13.47
N ASP A 84 -9.58 18.78 -13.96
CA ASP A 84 -10.69 18.08 -14.58
C ASP A 84 -11.83 17.94 -13.58
N LEU A 85 -11.45 17.45 -12.39
CA LEU A 85 -12.40 17.13 -11.35
C LEU A 85 -13.02 18.42 -10.80
N GLU A 86 -12.16 19.38 -10.47
CA GLU A 86 -12.58 20.65 -9.93
C GLU A 86 -13.56 21.35 -10.88
N ASN A 87 -13.23 21.40 -12.18
CA ASN A 87 -14.07 22.05 -13.18
C ASN A 87 -15.42 21.35 -13.30
N ARG A 88 -15.43 20.02 -13.34
CA ARG A 88 -16.69 19.28 -13.44
C ARG A 88 -17.56 19.51 -12.20
N LEU A 89 -16.95 19.65 -11.01
CA LEU A 89 -17.64 19.93 -9.76
C LEU A 89 -18.25 21.33 -9.80
N ASN A 90 -17.51 22.29 -10.36
CA ASN A 90 -18.02 23.66 -10.47
C ASN A 90 -19.25 23.70 -11.39
N GLN A 91 -19.20 22.97 -12.51
CA GLN A 91 -20.27 22.91 -13.50
C GLN A 91 -21.57 22.33 -12.93
N GLU A 92 -21.44 21.45 -11.93
CA GLU A 92 -22.59 20.84 -11.27
C GLU A 92 -23.07 21.68 -10.08
N GLY A 93 -22.34 22.77 -9.76
CA GLY A 93 -22.75 23.74 -8.76
C GLY A 93 -22.18 23.42 -7.39
N PHE A 94 -20.88 23.12 -7.33
CA PHE A 94 -20.18 22.93 -6.07
C PHE A 94 -19.09 23.98 -5.93
N GLN A 95 -18.84 24.41 -4.69
CA GLN A 95 -17.67 25.21 -4.35
C GLN A 95 -16.44 24.31 -4.24
N ALA A 96 -15.87 23.94 -5.39
CA ALA A 96 -14.70 23.08 -5.46
C ALA A 96 -13.45 23.94 -5.52
N GLU A 97 -12.31 23.41 -5.00
CA GLU A 97 -11.00 24.02 -5.18
C GLU A 97 -9.84 23.02 -5.11
N CYS A 98 -8.99 23.06 -6.13
CA CYS A 98 -7.81 22.21 -6.28
C CYS A 98 -6.65 22.87 -5.54
N LEU A 99 -6.49 22.53 -4.24
CA LEU A 99 -5.42 23.03 -3.35
C LEU A 99 -4.12 22.25 -3.58
N ILE A 100 -2.98 22.94 -3.77
CA ILE A 100 -1.70 22.33 -4.12
C ILE A 100 -0.77 22.19 -2.91
N ILE A 101 -0.02 21.07 -2.90
CA ILE A 101 1.05 20.85 -1.94
C ILE A 101 2.37 21.10 -2.67
N PRO A 102 3.17 22.12 -2.24
CA PRO A 102 4.44 22.42 -2.90
C PRO A 102 5.61 21.53 -2.43
N GLU A 103 6.66 21.47 -3.27
CA GLU A 103 7.77 20.54 -3.09
C GLU A 103 8.75 21.08 -2.05
N ASN A 104 9.49 20.16 -1.41
CA ASN A 104 10.65 20.47 -0.58
C ASN A 104 11.86 20.77 -1.48
N GLU A 105 13.02 21.10 -0.89
CA GLU A 105 14.14 21.57 -1.68
C GLU A 105 14.54 20.56 -2.76
N ALA A 106 14.34 19.26 -2.47
CA ALA A 106 14.79 18.18 -3.34
C ALA A 106 13.69 17.72 -4.29
N GLY A 107 12.67 18.58 -4.50
CA GLY A 107 11.66 18.36 -5.54
C GLY A 107 10.68 17.24 -5.21
N ASP A 108 10.61 16.85 -3.92
CA ASP A 108 9.78 15.76 -3.42
C ASP A 108 8.59 16.33 -2.63
N VAL A 109 7.46 15.61 -2.66
CA VAL A 109 6.26 16.01 -1.94
C VAL A 109 5.97 14.98 -0.85
N THR A 110 6.35 15.34 0.40
CA THR A 110 6.36 14.42 1.53
C THR A 110 5.10 14.58 2.38
N ALA A 111 4.93 13.62 3.31
CA ALA A 111 3.90 13.69 4.32
C ALA A 111 4.51 14.23 5.62
N ASP A 112 5.26 15.32 5.48
CA ASP A 112 5.91 15.96 6.60
C ASP A 112 4.99 17.01 7.22
N GLU A 113 5.24 17.34 8.50
CA GLU A 113 4.47 18.34 9.25
C GLU A 113 4.24 19.62 8.43
N ARG A 114 5.23 20.05 7.63
CA ARG A 114 5.14 21.26 6.82
C ARG A 114 4.02 21.14 5.79
N SER A 115 4.05 20.09 4.97
CA SER A 115 2.99 19.85 4.00
C SER A 115 1.63 19.64 4.68
N LEU A 116 1.62 18.92 5.80
CA LEU A 116 0.41 18.69 6.58
C LEU A 116 -0.26 20.02 6.94
N ILE A 117 0.49 20.96 7.53
CA ILE A 117 -0.04 22.26 7.94
C ILE A 117 -0.37 23.16 6.75
N HIS A 118 0.34 22.97 5.62
CA HIS A 118 0.07 23.71 4.40
C HIS A 118 -1.30 23.36 3.84
N VAL A 119 -1.65 22.08 3.92
CA VAL A 119 -2.98 21.59 3.58
C VAL A 119 -4.00 22.06 4.62
N LEU A 120 -3.58 22.13 5.90
CA LEU A 120 -4.50 22.36 7.01
C LEU A 120 -4.69 23.85 7.31
N ILE A 121 -4.44 24.77 6.36
CA ILE A 121 -4.84 26.17 6.50
C ILE A 121 -5.57 26.66 5.25
N HIS A 122 -5.14 26.21 4.06
CA HIS A 122 -5.77 26.55 2.80
C HIS A 122 -7.14 25.87 2.63
N THR A 123 -7.43 24.88 3.48
CA THR A 123 -8.78 24.33 3.64
C THR A 123 -9.57 25.16 4.66
N LYS A 124 -10.64 25.86 4.20
CA LYS A 124 -11.39 26.82 5.02
C LYS A 124 -12.60 26.16 5.67
N GLN A 125 -13.11 26.79 6.73
CA GLN A 125 -14.14 26.22 7.62
C GLN A 125 -15.44 25.88 6.89
N PRO A 126 -15.88 26.63 5.85
CA PRO A 126 -17.00 26.19 5.01
C PRO A 126 -16.93 24.72 4.60
N THR A 127 -15.69 24.20 4.44
CA THR A 127 -15.40 22.95 3.73
C THR A 127 -15.96 21.75 4.49
N ASP A 128 -16.69 20.90 3.74
CA ASP A 128 -17.42 19.78 4.32
C ASP A 128 -16.90 18.46 3.78
N VAL A 129 -16.02 18.48 2.76
CA VAL A 129 -15.38 17.25 2.30
C VAL A 129 -14.00 17.50 1.68
N MET A 130 -13.05 16.61 2.02
CA MET A 130 -11.72 16.62 1.41
C MET A 130 -11.62 15.52 0.35
N ILE A 131 -10.72 15.71 -0.63
CA ILE A 131 -10.53 14.72 -1.68
C ILE A 131 -9.04 14.64 -2.00
N ALA A 132 -8.47 13.47 -1.72
CA ALA A 132 -7.09 13.16 -2.05
C ALA A 132 -7.03 12.82 -3.53
N VAL A 133 -6.51 13.78 -4.31
CA VAL A 133 -6.28 13.56 -5.72
C VAL A 133 -4.80 13.26 -5.90
N GLY A 134 -4.46 11.97 -5.91
CA GLY A 134 -3.07 11.60 -6.10
C GLY A 134 -2.73 10.16 -5.70
N SER A 135 -1.55 10.03 -5.09
CA SER A 135 -0.97 8.75 -4.66
C SER A 135 -0.78 8.72 -3.14
N GLY A 136 -0.22 7.60 -2.66
CA GLY A 136 -0.03 7.29 -1.24
C GLY A 136 0.30 8.48 -0.33
N THR A 137 1.20 9.39 -0.77
CA THR A 137 1.62 10.52 0.04
C THR A 137 0.49 11.53 0.20
N ILE A 138 -0.07 11.99 -0.93
CA ILE A 138 -1.22 12.89 -0.91
C ILE A 138 -2.28 12.27 -0.01
N HIS A 139 -2.58 10.99 -0.27
CA HIS A 139 -3.54 10.22 0.50
C HIS A 139 -3.24 10.19 2.00
N ASP A 140 -1.97 10.16 2.41
CA ASP A 140 -1.61 10.21 3.83
C ASP A 140 -1.85 11.59 4.43
N ILE A 141 -1.43 12.63 3.72
CA ILE A 141 -1.60 14.00 4.19
C ILE A 141 -3.08 14.31 4.38
N VAL A 142 -3.91 13.86 3.44
CA VAL A 142 -5.34 14.11 3.49
C VAL A 142 -5.98 13.24 4.57
N ARG A 143 -5.61 11.96 4.58
CA ARG A 143 -6.06 11.01 5.59
C ARG A 143 -5.88 11.57 7.01
N PHE A 144 -4.71 12.21 7.25
CA PHE A 144 -4.34 12.75 8.55
C PHE A 144 -5.09 14.07 8.79
N ALA A 145 -4.96 14.99 7.83
CA ALA A 145 -5.46 16.36 7.97
C ALA A 145 -6.96 16.35 8.22
N ALA A 146 -7.69 15.62 7.37
CA ALA A 146 -9.15 15.51 7.41
C ALA A 146 -9.59 14.93 8.75
N PHE A 147 -8.83 13.96 9.26
CA PHE A 147 -9.12 13.35 10.55
C PHE A 147 -8.97 14.36 11.68
N GLN A 148 -7.92 15.19 11.62
CA GLN A 148 -7.69 16.22 12.63
C GLN A 148 -8.67 17.39 12.46
N ARG A 149 -9.24 17.60 11.27
CA ARG A 149 -10.25 18.62 11.05
C ARG A 149 -11.66 18.02 11.01
N ASP A 150 -11.77 16.71 11.28
CA ASP A 150 -13.04 16.04 11.49
C ASP A 150 -13.94 16.17 10.26
N LEU A 151 -13.39 15.73 9.11
CA LEU A 151 -14.05 15.84 7.82
C LEU A 151 -13.86 14.52 7.09
N PRO A 152 -14.85 14.09 6.26
CA PRO A 152 -14.67 12.94 5.39
C PRO A 152 -13.71 13.29 4.25
N PHE A 153 -12.90 12.29 3.82
CA PHE A 153 -12.05 12.47 2.65
C PHE A 153 -12.36 11.34 1.67
N ILE A 154 -12.30 11.70 0.39
CA ILE A 154 -12.60 10.81 -0.72
C ILE A 154 -11.29 10.43 -1.39
N SER A 155 -11.14 9.14 -1.68
CA SER A 155 -9.95 8.62 -2.35
C SER A 155 -10.11 8.76 -3.88
N TYR A 156 -9.19 9.54 -4.49
CA TYR A 156 -9.04 9.66 -5.93
C TYR A 156 -7.61 9.32 -6.32
N PRO A 157 -7.29 8.01 -6.48
CA PRO A 157 -5.93 7.57 -6.83
C PRO A 157 -5.60 7.85 -8.29
N THR A 158 -4.42 8.45 -8.54
CA THR A 158 -3.88 8.77 -9.85
C THR A 158 -2.87 7.73 -10.35
N ALA A 159 -2.59 6.69 -9.55
CA ALA A 159 -1.68 5.63 -9.96
C ALA A 159 -1.96 4.36 -9.15
N PRO A 160 -1.88 3.16 -9.77
CA PRO A 160 -2.01 1.92 -9.01
C PRO A 160 -0.65 1.48 -8.44
N SER A 161 -0.21 2.20 -7.41
CA SER A 161 1.17 2.16 -6.94
C SER A 161 1.31 1.51 -5.55
N VAL A 162 0.18 1.38 -4.83
CA VAL A 162 0.19 1.00 -3.40
C VAL A 162 -1.16 0.41 -3.01
N ASP A 163 -1.21 -0.21 -1.81
CA ASP A 163 -2.41 -0.79 -1.24
C ASP A 163 -2.86 0.00 0.01
N GLY A 164 -2.38 1.25 0.16
CA GLY A 164 -2.71 2.11 1.30
C GLY A 164 -3.53 3.35 0.89
N PHE A 165 -4.60 3.10 0.11
CA PHE A 165 -5.60 4.11 -0.21
C PHE A 165 -6.74 4.02 0.81
N THR A 166 -7.21 2.79 1.10
CA THR A 166 -8.34 2.55 1.99
C THR A 166 -7.95 2.56 3.47
N SER A 167 -6.64 2.59 3.76
CA SER A 167 -6.11 2.43 5.11
C SER A 167 -6.59 3.53 6.06
N ALA A 168 -6.54 3.19 7.35
CA ALA A 168 -6.85 4.05 8.47
C ALA A 168 -5.61 4.79 8.96
N GLY A 169 -4.42 4.24 8.70
CA GLY A 169 -3.18 4.77 9.26
C GLY A 169 -2.41 5.63 8.26
N ALA A 170 -1.74 6.67 8.79
CA ALA A 170 -1.05 7.69 8.01
C ALA A 170 0.44 7.76 8.36
N PRO A 171 1.32 7.01 7.64
CA PRO A 171 2.79 7.15 7.76
C PRO A 171 3.29 8.56 7.51
N ILE A 172 3.26 9.43 8.55
CA ILE A 172 3.67 10.83 8.41
C ILE A 172 5.06 11.03 9.00
N ILE A 173 5.80 12.02 8.48
CA ILE A 173 7.11 12.38 9.01
C ILE A 173 6.95 13.44 10.10
N LEU A 174 7.74 13.33 11.19
CA LEU A 174 7.68 14.30 12.28
C LEU A 174 8.93 14.22 13.17
N TYR A 175 9.30 15.37 13.75
CA TYR A 175 10.42 15.54 14.67
C TYR A 175 11.73 15.26 13.92
N GLY A 176 11.83 14.04 13.34
CA GLY A 176 12.96 13.62 12.52
C GLY A 176 12.91 12.11 12.25
N THR A 177 11.74 11.61 11.79
CA THR A 177 11.47 10.19 11.55
C THR A 177 10.09 10.00 10.89
N LYS A 178 9.89 8.90 10.15
CA LYS A 178 8.63 8.58 9.49
C LYS A 178 7.82 7.55 10.30
N THR A 179 6.69 8.01 10.91
CA THR A 179 5.89 7.24 11.87
C THR A 179 4.41 7.17 11.46
N THR A 180 3.75 6.03 11.80
CA THR A 180 2.41 5.70 11.32
C THR A 180 1.34 5.96 12.38
N ILE A 181 0.82 7.20 12.41
CA ILE A 181 -0.32 7.59 13.22
C ILE A 181 -1.57 6.89 12.70
N GLN A 182 -2.49 6.51 13.60
CA GLN A 182 -3.71 5.85 13.15
C GLN A 182 -4.85 6.87 13.24
N THR A 183 -5.67 6.96 12.17
CA THR A 183 -6.66 8.01 11.97
C THR A 183 -8.01 7.42 11.52
N LYS A 184 -8.36 7.53 10.22
CA LYS A 184 -9.65 7.12 9.70
C LYS A 184 -9.60 6.95 8.18
N ALA A 185 -10.32 5.93 7.70
CA ALA A 185 -10.29 5.48 6.32
C ALA A 185 -11.13 6.41 5.44
N PRO A 186 -10.96 6.38 4.10
CA PRO A 186 -11.85 7.13 3.21
C PRO A 186 -13.32 6.75 3.38
N SER A 187 -14.18 7.70 2.98
CA SER A 187 -15.63 7.54 2.97
C SER A 187 -16.06 6.87 1.68
N ALA A 188 -15.28 7.12 0.62
CA ALA A 188 -15.44 6.41 -0.64
C ALA A 188 -14.12 6.48 -1.41
N LEU A 189 -14.07 5.70 -2.51
CA LEU A 189 -12.95 5.69 -3.44
C LEU A 189 -13.47 5.62 -4.87
N PHE A 190 -12.90 6.47 -5.73
CA PHE A 190 -13.26 6.49 -7.14
C PHE A 190 -11.98 6.47 -7.98
N ALA A 191 -11.78 5.35 -8.70
CA ALA A 191 -10.59 5.09 -9.48
C ALA A 191 -10.92 5.12 -10.98
N ASP A 192 -10.27 6.06 -11.65
CA ASP A 192 -10.46 6.23 -13.08
C ASP A 192 -9.50 5.30 -13.83
N LEU A 193 -10.05 4.22 -14.40
CA LEU A 193 -9.25 3.16 -15.01
C LEU A 193 -8.34 3.65 -16.15
N ASP A 194 -8.77 4.71 -16.86
CA ASP A 194 -8.00 5.29 -17.96
C ASP A 194 -6.90 6.21 -17.43
N LEU A 195 -7.16 6.89 -16.31
CA LEU A 195 -6.11 7.66 -15.66
C LEU A 195 -5.01 6.74 -15.13
N LEU A 196 -5.41 5.58 -14.58
CA LEU A 196 -4.47 4.58 -14.08
C LEU A 196 -3.62 3.98 -15.22
N LYS A 197 -4.28 3.52 -16.30
CA LYS A 197 -3.58 3.05 -17.49
C LYS A 197 -2.59 4.11 -17.98
N ALA A 198 -2.92 5.39 -17.85
CA ALA A 198 -2.10 6.48 -18.35
C ALA A 198 -0.84 6.67 -17.51
N ALA A 199 -0.81 6.11 -16.30
CA ALA A 199 0.23 6.40 -15.32
C ALA A 199 1.62 5.92 -15.77
N PRO A 200 2.74 6.51 -15.24
CA PRO A 200 4.07 6.00 -15.54
C PRO A 200 4.17 4.51 -15.23
N GLN A 201 4.80 3.80 -16.17
CA GLN A 201 5.04 2.37 -16.07
C GLN A 201 5.78 2.08 -14.76
N SER A 202 6.65 3.00 -14.31
CA SER A 202 7.42 2.79 -13.09
C SER A 202 6.48 2.67 -11.90
N MET A 203 5.45 3.51 -11.87
CA MET A 203 4.44 3.50 -10.81
C MET A 203 3.57 2.24 -10.85
N VAL A 204 3.13 1.85 -12.05
CA VAL A 204 2.41 0.60 -12.21
C VAL A 204 3.26 -0.54 -11.67
N ALA A 205 4.55 -0.51 -12.02
CA ALA A 205 5.49 -1.55 -11.65
C ALA A 205 5.82 -1.47 -10.17
N ALA A 206 5.55 -0.30 -9.57
CA ALA A 206 5.71 -0.13 -8.13
C ALA A 206 4.53 -0.79 -7.41
N GLY A 207 3.36 -0.73 -8.04
CA GLY A 207 2.21 -1.45 -7.54
C GLY A 207 2.47 -2.93 -7.60
N PHE A 208 2.97 -3.41 -8.74
CA PHE A 208 3.33 -4.80 -8.90
C PHE A 208 4.39 -5.22 -7.86
N GLY A 209 5.33 -4.30 -7.59
CA GLY A 209 6.37 -4.51 -6.61
C GLY A 209 5.77 -4.76 -5.24
N ASP A 210 4.96 -3.81 -4.79
CA ASP A 210 4.30 -3.87 -3.50
C ASP A 210 3.46 -5.14 -3.38
N MET A 211 2.83 -5.58 -4.48
CA MET A 211 2.12 -6.86 -4.47
C MET A 211 3.08 -8.06 -4.38
N LEU A 212 4.21 -8.05 -5.12
CA LEU A 212 5.19 -9.13 -5.02
C LEU A 212 5.76 -9.30 -3.60
N GLY A 213 5.83 -8.21 -2.83
CA GLY A 213 6.14 -8.30 -1.41
C GLY A 213 5.31 -9.38 -0.72
N LYS A 214 4.08 -9.64 -1.21
CA LYS A 214 3.16 -10.58 -0.57
C LYS A 214 3.56 -12.04 -0.79
N ILE A 215 4.59 -12.30 -1.60
CA ILE A 215 5.20 -13.63 -1.65
C ILE A 215 5.75 -13.95 -0.26
N THR A 216 6.46 -12.98 0.34
CA THR A 216 7.23 -13.17 1.54
C THR A 216 6.49 -12.67 2.78
N SER A 217 5.53 -11.75 2.60
CA SER A 217 4.75 -11.20 3.70
C SER A 217 3.80 -12.24 4.30
N LEU A 218 3.17 -13.04 3.42
CA LEU A 218 2.22 -14.09 3.80
C LEU A 218 2.90 -15.19 4.62
N ALA A 219 4.11 -15.57 4.16
CA ALA A 219 5.00 -16.51 4.82
C ALA A 219 5.44 -15.99 6.18
N ASP A 220 5.96 -14.75 6.23
CA ASP A 220 6.29 -14.13 7.51
C ASP A 220 5.07 -14.04 8.43
N TRP A 221 3.86 -13.99 7.85
CA TRP A 221 2.65 -14.01 8.64
C TRP A 221 2.37 -15.41 9.20
N GLU A 222 2.75 -16.47 8.50
CA GLU A 222 2.65 -17.83 9.00
C GLU A 222 3.67 -18.10 10.10
N ILE A 223 4.90 -17.57 9.92
CA ILE A 223 5.91 -17.59 10.96
C ILE A 223 5.35 -16.89 12.20
N SER A 224 4.91 -15.65 12.03
CA SER A 224 4.28 -14.85 13.08
C SER A 224 3.16 -15.61 13.82
N ARG A 225 2.39 -16.39 13.05
CA ARG A 225 1.20 -17.06 13.52
C ARG A 225 1.60 -18.19 14.42
N HIS A 226 2.43 -19.09 13.86
CA HIS A 226 2.86 -20.32 14.52
C HIS A 226 3.79 -19.99 15.68
N LEU A 227 4.82 -19.18 15.44
CA LEU A 227 5.95 -19.07 16.35
C LEU A 227 5.64 -18.10 17.49
N ALA A 228 5.19 -16.90 17.14
CA ALA A 228 5.05 -15.82 18.11
C ALA A 228 3.59 -15.64 18.53
N GLY A 229 2.69 -16.47 17.99
CA GLY A 229 1.30 -16.46 18.43
C GLY A 229 0.61 -15.14 18.10
N GLU A 230 0.89 -14.64 16.89
CA GLU A 230 0.40 -13.36 16.38
C GLU A 230 -0.94 -13.58 15.68
N PRO A 231 -1.82 -12.57 15.69
CA PRO A 231 -3.12 -12.64 15.00
C PRO A 231 -3.07 -13.14 13.56
N TYR A 232 -3.87 -14.14 13.22
CA TYR A 232 -3.84 -14.74 11.89
C TYR A 232 -5.26 -15.05 11.41
N SER A 233 -5.50 -14.91 10.10
CA SER A 233 -6.78 -15.18 9.46
C SER A 233 -6.59 -16.11 8.26
N PRO A 234 -7.09 -17.36 8.29
CA PRO A 234 -7.04 -18.25 7.11
C PRO A 234 -7.69 -17.64 5.87
N ALA A 235 -8.94 -17.15 6.01
CA ALA A 235 -9.71 -16.54 4.92
C ALA A 235 -8.99 -15.33 4.33
N GLY A 236 -8.37 -14.54 5.21
CA GLY A 236 -7.54 -13.42 4.82
C GLY A 236 -6.37 -13.84 3.95
N ALA A 237 -5.58 -14.78 4.47
CA ALA A 237 -4.43 -15.36 3.77
C ALA A 237 -4.83 -15.83 2.37
N LYS A 238 -5.97 -16.54 2.23
CA LYS A 238 -6.43 -17.02 0.94
C LYS A 238 -6.92 -15.89 0.02
N ILE A 239 -7.43 -14.79 0.59
CA ILE A 239 -7.87 -13.62 -0.18
C ILE A 239 -6.65 -12.96 -0.84
N VAL A 240 -5.62 -12.69 -0.04
CA VAL A 240 -4.40 -12.06 -0.55
C VAL A 240 -3.64 -13.02 -1.49
N GLN A 241 -3.75 -14.35 -1.26
CA GLN A 241 -3.27 -15.36 -2.20
C GLN A 241 -3.95 -15.20 -3.56
N GLU A 242 -5.29 -15.13 -3.59
CA GLU A 242 -6.07 -14.91 -4.81
C GLU A 242 -5.54 -13.70 -5.58
N ALA A 243 -5.44 -12.57 -4.87
CA ALA A 243 -4.96 -11.30 -5.41
C ALA A 243 -3.58 -11.43 -6.05
N LEU A 244 -2.60 -11.93 -5.28
CA LEU A 244 -1.22 -12.15 -5.71
C LEU A 244 -1.14 -13.06 -6.93
N ALA A 245 -1.88 -14.16 -6.87
CA ALA A 245 -2.05 -15.04 -8.02
C ALA A 245 -2.48 -14.31 -9.29
N ALA A 246 -3.53 -13.48 -9.24
CA ALA A 246 -3.98 -12.83 -10.47
C ALA A 246 -2.95 -11.84 -10.98
N CYS A 247 -2.43 -10.96 -10.11
CA CYS A 247 -1.37 -10.05 -10.52
C CYS A 247 -0.28 -10.74 -11.35
N ILE A 248 0.27 -11.85 -10.82
CA ILE A 248 1.29 -12.61 -11.54
C ILE A 248 0.73 -13.08 -12.89
N GLU A 249 -0.40 -13.79 -12.86
CA GLU A 249 -0.95 -14.36 -14.06
C GLU A 249 -0.92 -13.29 -15.15
N HIS A 250 -1.28 -12.05 -14.79
CA HIS A 250 -1.46 -10.96 -15.74
C HIS A 250 -0.17 -10.15 -15.90
N THR A 251 0.99 -10.73 -15.62
CA THR A 251 2.22 -9.96 -15.59
C THR A 251 2.45 -9.21 -16.91
N GLU A 252 2.03 -9.80 -18.04
CA GLU A 252 2.23 -9.21 -19.35
C GLU A 252 1.24 -8.06 -19.59
N ASP A 253 -0.02 -8.30 -19.19
CA ASP A 253 -1.07 -7.31 -19.31
C ASP A 253 -0.70 -6.05 -18.53
N ILE A 254 -0.09 -6.25 -17.36
CA ILE A 254 0.32 -5.13 -16.54
C ILE A 254 1.47 -4.37 -17.22
N ALA A 255 2.41 -5.12 -17.83
CA ALA A 255 3.60 -4.55 -18.44
C ALA A 255 3.19 -3.55 -19.49
N MET A 256 2.34 -4.04 -20.42
CA MET A 256 1.83 -3.25 -21.53
C MET A 256 0.82 -2.21 -21.06
N LYS A 257 0.21 -2.43 -19.89
CA LYS A 257 -0.69 -1.49 -19.25
C LYS A 257 -2.05 -1.55 -19.94
N THR A 258 -2.48 -2.77 -20.29
CA THR A 258 -3.81 -2.94 -20.85
C THR A 258 -4.89 -2.74 -19.78
N GLU A 259 -6.14 -2.64 -20.24
CA GLU A 259 -7.27 -2.43 -19.34
C GLU A 259 -7.32 -3.53 -18.29
N THR A 260 -7.38 -4.81 -18.72
CA THR A 260 -7.42 -5.97 -17.84
C THR A 260 -6.26 -5.91 -16.85
N GLY A 261 -5.06 -5.59 -17.34
CA GLY A 261 -3.86 -5.62 -16.54
C GLY A 261 -3.90 -4.62 -15.40
N ILE A 262 -4.26 -3.37 -15.66
CA ILE A 262 -4.29 -2.35 -14.62
C ILE A 262 -5.52 -2.48 -13.72
N ARG A 263 -6.63 -2.98 -14.30
CA ARG A 263 -7.82 -3.32 -13.56
C ARG A 263 -7.48 -4.37 -12.51
N VAL A 264 -6.76 -5.44 -12.92
CA VAL A 264 -6.37 -6.54 -12.06
C VAL A 264 -5.35 -6.11 -10.99
N LEU A 265 -4.32 -5.36 -11.41
CA LEU A 265 -3.40 -4.75 -10.45
C LEU A 265 -4.15 -4.00 -9.35
N MET A 266 -4.97 -3.00 -9.75
CA MET A 266 -5.62 -2.09 -8.81
C MET A 266 -6.64 -2.83 -7.94
N GLU A 267 -7.39 -3.79 -8.50
CA GLU A 267 -8.36 -4.56 -7.73
C GLU A 267 -7.65 -5.38 -6.65
N SER A 268 -6.50 -5.95 -7.03
CA SER A 268 -5.69 -6.74 -6.12
C SER A 268 -5.08 -5.89 -4.98
N LEU A 269 -4.51 -4.72 -5.30
CA LEU A 269 -4.02 -3.78 -4.30
C LEU A 269 -5.15 -3.32 -3.37
N LEU A 270 -6.35 -3.10 -3.91
CA LEU A 270 -7.47 -2.60 -3.11
C LEU A 270 -7.97 -3.67 -2.14
N VAL A 271 -8.06 -4.92 -2.62
CA VAL A 271 -8.34 -6.10 -1.81
C VAL A 271 -7.28 -6.28 -0.70
N SER A 272 -5.98 -6.11 -1.01
CA SER A 272 -4.94 -6.08 0.03
C SER A 272 -5.21 -5.05 1.14
N GLY A 273 -5.50 -3.80 0.77
CA GLY A 273 -5.80 -2.77 1.75
C GLY A 273 -7.08 -3.06 2.52
N LEU A 274 -8.02 -3.75 1.87
CA LEU A 274 -9.32 -4.06 2.45
C LEU A 274 -9.26 -5.15 3.53
N VAL A 275 -8.39 -6.15 3.29
CA VAL A 275 -8.13 -7.15 4.30
C VAL A 275 -7.41 -6.48 5.47
N MET A 276 -6.39 -5.68 5.16
CA MET A 276 -5.64 -4.98 6.18
C MET A 276 -6.58 -4.20 7.09
N LEU A 277 -7.63 -3.60 6.49
CA LEU A 277 -8.59 -2.77 7.20
C LEU A 277 -9.50 -3.62 8.07
N ALA A 278 -10.03 -4.68 7.46
CA ALA A 278 -10.92 -5.63 8.11
C ALA A 278 -10.31 -6.28 9.36
N LEU A 279 -8.97 -6.49 9.34
CA LEU A 279 -8.25 -7.22 10.38
C LEU A 279 -7.47 -6.28 11.31
N ASP A 280 -7.34 -4.99 10.96
CA ASP A 280 -6.84 -3.95 11.86
C ASP A 280 -5.34 -4.06 12.15
N HIS A 281 -4.59 -4.69 11.21
CA HIS A 281 -3.13 -4.69 11.26
C HIS A 281 -2.60 -4.96 9.86
N SER A 282 -1.29 -4.72 9.66
CA SER A 282 -0.72 -4.75 8.33
C SER A 282 0.00 -6.05 7.99
N ARG A 283 -0.09 -7.06 8.87
CA ARG A 283 0.75 -8.26 8.85
C ARG A 283 0.68 -9.02 7.53
N PRO A 284 -0.51 -9.21 6.91
CA PRO A 284 -0.60 -9.99 5.68
C PRO A 284 0.00 -9.31 4.46
N ALA A 285 0.13 -7.98 4.53
CA ALA A 285 0.59 -7.15 3.41
C ALA A 285 2.03 -6.68 3.62
N SER A 286 2.51 -6.67 4.88
CA SER A 286 3.80 -6.11 5.25
C SER A 286 4.65 -7.10 6.05
N GLY A 287 5.68 -7.66 5.40
CA GLY A 287 6.62 -8.56 6.04
C GLY A 287 8.05 -8.00 6.08
N GLY A 288 9.03 -8.90 6.15
CA GLY A 288 10.42 -8.54 6.24
C GLY A 288 10.88 -7.62 5.11
N GLU A 289 10.39 -7.87 3.90
CA GLU A 289 10.72 -7.02 2.76
C GLU A 289 10.28 -5.56 2.98
N HIS A 290 9.12 -5.36 3.60
CA HIS A 290 8.64 -4.02 3.94
C HIS A 290 9.50 -3.40 5.04
N HIS A 291 9.94 -4.20 6.02
CA HIS A 291 10.76 -3.70 7.13
C HIS A 291 12.12 -3.23 6.63
N ILE A 292 12.70 -4.03 5.73
CA ILE A 292 13.95 -3.68 5.07
C ILE A 292 13.77 -2.37 4.32
N SER A 293 12.61 -2.28 3.63
CA SER A 293 12.21 -1.16 2.81
C SER A 293 12.10 0.12 3.66
N HIS A 294 11.51 -0.02 4.86
CA HIS A 294 11.42 1.05 5.84
C HIS A 294 12.82 1.53 6.23
N TRP A 295 13.76 0.58 6.42
CA TRP A 295 15.11 0.90 6.87
C TRP A 295 15.89 1.66 5.80
N ILE A 296 15.84 1.15 4.57
CA ILE A 296 16.43 1.83 3.43
C ILE A 296 15.91 3.27 3.36
N GLU A 297 14.58 3.44 3.38
CA GLU A 297 13.92 4.74 3.31
C GLU A 297 14.46 5.70 4.37
N MET A 298 14.57 5.22 5.60
CA MET A 298 15.16 5.98 6.69
C MET A 298 16.57 6.40 6.32
N GLU A 299 17.33 5.50 5.67
CA GLU A 299 18.70 5.78 5.28
C GLU A 299 18.76 6.85 4.19
N LEU A 300 17.75 6.88 3.30
CA LEU A 300 17.69 7.84 2.21
C LEU A 300 17.32 9.24 2.72
N MET A 301 16.44 9.30 3.73
CA MET A 301 16.19 10.54 4.44
C MET A 301 17.46 10.96 5.16
N GLU A 302 18.11 10.01 5.84
CA GLU A 302 19.32 10.25 6.62
C GLU A 302 20.44 10.80 5.73
N LYS A 303 20.60 10.20 4.54
CA LYS A 303 21.60 10.63 3.57
C LYS A 303 21.24 11.99 2.97
N LYS A 304 19.96 12.38 3.12
CA LYS A 304 19.39 13.64 2.66
C LYS A 304 19.26 13.61 1.14
N ARG A 305 18.78 12.48 0.60
CA ARG A 305 18.67 12.27 -0.84
C ARG A 305 17.24 11.88 -1.19
N PRO A 306 16.80 12.01 -2.47
CA PRO A 306 15.38 12.00 -2.79
C PRO A 306 14.78 10.62 -2.52
N GLN A 307 13.50 10.56 -2.20
CA GLN A 307 12.84 9.31 -1.92
C GLN A 307 12.51 8.62 -3.23
N ILE A 308 12.43 7.29 -3.16
CA ILE A 308 12.16 6.43 -4.29
C ILE A 308 10.85 5.72 -3.93
N LEU A 309 10.17 5.20 -4.96
CA LEU A 309 8.89 4.55 -4.80
C LEU A 309 8.98 3.37 -3.81
N HIS A 310 8.07 3.46 -2.82
CA HIS A 310 7.79 2.40 -1.86
C HIS A 310 7.87 1.03 -2.55
N GLY A 311 7.01 0.83 -3.55
CA GLY A 311 6.76 -0.46 -4.14
C GLY A 311 7.98 -1.00 -4.84
N ALA A 312 8.81 -0.10 -5.39
CA ALA A 312 10.05 -0.42 -6.11
C ALA A 312 11.00 -1.05 -5.12
N LYS A 313 11.15 -0.38 -3.96
CA LYS A 313 11.95 -0.84 -2.85
C LYS A 313 11.46 -2.19 -2.34
N VAL A 314 10.14 -2.38 -2.32
CA VAL A 314 9.51 -3.60 -1.82
C VAL A 314 9.84 -4.77 -2.74
N GLY A 315 9.79 -4.55 -4.07
CA GLY A 315 10.19 -5.57 -5.03
C GLY A 315 11.67 -5.97 -4.92
N CYS A 316 12.53 -4.94 -4.82
CA CYS A 316 13.96 -5.14 -4.67
C CYS A 316 14.27 -5.89 -3.36
N ALA A 317 13.44 -5.70 -2.33
CA ALA A 317 13.65 -6.32 -1.04
C ALA A 317 13.23 -7.78 -1.10
N ALA A 318 12.08 -8.06 -1.70
CA ALA A 318 11.57 -9.42 -1.74
C ALA A 318 12.46 -10.29 -2.61
N VAL A 319 13.01 -9.72 -3.68
CA VAL A 319 13.89 -10.43 -4.61
C VAL A 319 15.06 -11.10 -3.88
N LEU A 320 15.52 -10.52 -2.76
CA LEU A 320 16.61 -11.05 -1.94
C LEU A 320 16.09 -11.89 -0.77
N LEU A 321 15.11 -11.33 -0.04
CA LEU A 321 14.63 -11.93 1.19
C LEU A 321 13.92 -13.26 0.92
N THR A 322 13.37 -13.48 -0.28
CA THR A 322 12.88 -14.80 -0.64
C THR A 322 14.01 -15.84 -0.64
N ASP A 323 15.20 -15.47 -1.15
CA ASP A 323 16.34 -16.37 -1.12
C ASP A 323 16.88 -16.54 0.30
N THR A 324 16.92 -15.44 1.08
CA THR A 324 17.35 -15.52 2.47
C THR A 324 16.54 -16.58 3.19
N TYR A 325 15.23 -16.50 3.01
CA TYR A 325 14.31 -17.41 3.68
C TYR A 325 14.46 -18.82 3.12
N ARG A 326 14.66 -18.99 1.81
CA ARG A 326 14.87 -20.30 1.21
C ARG A 326 16.11 -21.00 1.80
N LYS A 327 17.16 -20.21 2.06
CA LYS A 327 18.40 -20.70 2.68
C LYS A 327 18.16 -21.04 4.15
N LEU A 328 17.65 -20.10 4.93
CA LEU A 328 17.27 -20.38 6.30
C LEU A 328 16.56 -21.73 6.39
N ALA A 329 15.51 -21.91 5.59
CA ALA A 329 14.67 -23.11 5.66
C ALA A 329 15.49 -24.40 5.56
N GLN A 330 16.68 -24.33 4.92
CA GLN A 330 17.53 -25.49 4.72
C GLN A 330 18.89 -25.33 5.41
N ASP A 331 18.93 -24.55 6.49
CA ASP A 331 20.15 -24.39 7.27
C ASP A 331 20.19 -25.40 8.43
N ASP A 332 21.39 -25.96 8.66
CA ASP A 332 21.64 -26.95 9.70
C ASP A 332 21.46 -26.34 11.10
N GLY A 333 21.55 -25.01 11.19
CA GLY A 333 21.18 -24.24 12.38
C GLY A 333 19.78 -24.54 12.89
N LEU A 334 18.86 -24.88 11.98
CA LEU A 334 17.48 -25.21 12.32
C LEU A 334 17.38 -26.50 13.16
N ASN A 335 18.51 -27.19 13.39
CA ASN A 335 18.55 -28.36 14.29
C ASN A 335 18.68 -27.98 15.77
N GLU A 336 19.15 -26.76 16.06
CA GLU A 336 19.13 -26.22 17.43
C GLU A 336 17.67 -26.06 17.88
N PHE A 337 16.78 -25.69 16.96
CA PHE A 337 15.39 -25.35 17.26
C PHE A 337 14.53 -26.58 17.48
N SER A 338 13.37 -26.36 18.12
CA SER A 338 12.35 -27.38 18.38
C SER A 338 11.94 -28.06 17.07
N PRO A 339 11.49 -29.34 17.07
CA PRO A 339 10.84 -29.92 15.89
C PRO A 339 9.68 -29.07 15.35
N SER A 340 8.91 -28.47 16.26
CA SER A 340 7.78 -27.60 15.95
C SER A 340 8.21 -26.32 15.22
N ARG A 341 9.21 -25.61 15.74
CA ARG A 341 9.66 -24.37 15.13
C ARG A 341 10.46 -24.62 13.87
N ARG A 342 11.24 -25.69 13.85
CA ARG A 342 11.90 -26.13 12.64
C ARG A 342 10.85 -26.33 11.55
N GLU A 343 9.85 -27.18 11.81
CA GLU A 343 8.88 -27.57 10.79
C GLU A 343 7.98 -26.40 10.41
N ALA A 344 7.77 -25.45 11.33
CA ALA A 344 7.08 -24.21 11.06
C ALA A 344 7.83 -23.35 10.05
N ILE A 345 9.09 -23.02 10.34
CA ILE A 345 9.91 -22.26 9.40
C ILE A 345 10.00 -22.97 8.04
N GLN A 346 10.32 -24.26 8.07
CA GLN A 346 10.50 -25.04 6.86
C GLN A 346 9.26 -25.07 5.98
N SER A 347 8.11 -25.34 6.59
CA SER A 347 6.87 -25.57 5.86
C SER A 347 6.32 -24.25 5.32
N ALA A 348 6.63 -23.19 6.07
CA ALA A 348 6.21 -21.85 5.73
C ALA A 348 6.99 -21.30 4.55
N TYR A 349 8.27 -21.69 4.39
CA TYR A 349 9.19 -21.12 3.43
C TYR A 349 9.44 -22.04 2.23
N GLN A 350 9.18 -23.35 2.34
CA GLN A 350 9.51 -24.32 1.29
C GLN A 350 8.87 -23.95 -0.06
N THR A 351 7.70 -23.31 -0.01
CA THR A 351 6.96 -22.98 -1.22
C THR A 351 7.41 -21.65 -1.81
N LEU A 352 8.51 -21.05 -1.34
CA LEU A 352 8.96 -19.77 -1.86
C LEU A 352 9.62 -19.97 -3.22
N PRO A 353 9.31 -19.13 -4.25
CA PRO A 353 10.04 -19.16 -5.52
C PRO A 353 11.41 -18.52 -5.34
N ARG A 354 12.31 -18.74 -6.31
CA ARG A 354 13.66 -18.21 -6.29
C ARG A 354 13.66 -16.70 -6.60
N GLY A 355 14.61 -16.00 -5.96
CA GLY A 355 14.89 -14.59 -6.20
C GLY A 355 14.89 -14.25 -7.69
N GLU A 356 15.46 -15.14 -8.52
CA GLU A 356 15.58 -14.95 -9.96
C GLU A 356 14.21 -14.88 -10.65
N VAL A 357 13.26 -15.70 -10.20
CA VAL A 357 11.90 -15.70 -10.75
C VAL A 357 11.21 -14.39 -10.40
N LEU A 358 11.32 -13.97 -9.13
CA LEU A 358 10.78 -12.70 -8.68
C LEU A 358 11.28 -11.55 -9.56
N ALA A 359 12.60 -11.45 -9.70
CA ALA A 359 13.26 -10.44 -10.51
C ALA A 359 12.78 -10.48 -11.95
N ASP A 360 12.55 -11.67 -12.47
CA ASP A 360 12.10 -11.86 -13.84
C ASP A 360 10.71 -11.25 -14.06
N TRP A 361 9.79 -11.50 -13.10
CA TRP A 361 8.46 -10.90 -13.07
C TRP A 361 8.55 -9.39 -12.95
N LEU A 362 9.34 -8.89 -12.00
CA LEU A 362 9.60 -7.47 -11.83
C LEU A 362 10.11 -6.79 -13.11
N ARG A 363 11.02 -7.47 -13.85
CA ARG A 363 11.56 -6.98 -15.12
C ARG A 363 10.49 -6.91 -16.19
N SER A 364 9.79 -8.05 -16.40
CA SER A 364 8.69 -8.15 -17.35
C SER A 364 7.68 -7.05 -17.10
N ALA A 365 7.43 -6.76 -15.82
CA ALA A 365 6.46 -5.77 -15.39
C ALA A 365 6.90 -4.36 -15.78
N GLY A 366 8.20 -4.08 -15.71
CA GLY A 366 8.72 -2.78 -16.04
C GLY A 366 9.35 -2.04 -14.86
N GLY A 367 9.69 -2.79 -13.79
CA GLY A 367 10.27 -2.24 -12.57
C GLY A 367 11.66 -2.80 -12.25
N PRO A 368 12.38 -2.15 -11.31
CA PRO A 368 13.73 -2.56 -10.88
C PRO A 368 13.79 -3.80 -9.98
N ALA A 369 14.82 -4.61 -10.22
CA ALA A 369 14.98 -5.92 -9.60
C ALA A 369 15.96 -5.82 -8.44
N TYR A 370 16.94 -4.92 -8.57
CA TYR A 370 18.05 -4.87 -7.63
C TYR A 370 18.26 -3.41 -7.25
N PHE A 371 18.70 -3.19 -6.02
CA PHE A 371 18.69 -1.87 -5.42
C PHE A 371 19.70 -0.94 -6.07
N ASP A 372 20.66 -1.49 -6.81
CA ASP A 372 21.64 -0.67 -7.52
C ASP A 372 20.95 0.05 -8.68
N GLU A 373 19.95 -0.60 -9.29
CA GLU A 373 19.12 -0.01 -10.35
C GLU A 373 18.44 1.28 -9.92
N ILE A 374 17.98 1.40 -8.66
CA ILE A 374 17.40 2.63 -8.15
C ILE A 374 18.40 3.36 -7.23
N GLY A 375 19.63 2.84 -7.10
CA GLY A 375 20.71 3.60 -6.48
C GLY A 375 20.71 3.61 -4.95
N VAL A 376 20.35 2.47 -4.35
CA VAL A 376 20.50 2.31 -2.92
C VAL A 376 21.96 1.97 -2.66
N GLY A 377 22.42 0.87 -3.26
CA GLY A 377 23.78 0.42 -3.07
C GLY A 377 23.86 -0.67 -2.00
N GLN A 378 24.95 -1.44 -2.03
CA GLN A 378 25.12 -2.64 -1.22
C GLN A 378 25.24 -2.28 0.27
N ASP A 379 25.98 -1.19 0.55
CA ASP A 379 26.14 -0.64 1.89
C ASP A 379 24.83 -0.68 2.67
N SER A 380 23.83 0.05 2.18
CA SER A 380 22.56 0.21 2.89
C SER A 380 21.70 -1.06 2.85
N VAL A 381 22.04 -2.00 1.95
CA VAL A 381 21.36 -3.28 1.81
C VAL A 381 21.77 -4.17 2.95
N LYS A 382 23.08 -4.40 3.07
CA LYS A 382 23.59 -5.23 4.15
C LYS A 382 23.30 -4.57 5.51
N ASN A 383 23.20 -3.23 5.56
CA ASN A 383 22.82 -2.52 6.77
C ASN A 383 21.36 -2.81 7.16
N ALA A 384 20.46 -2.61 6.21
CA ALA A 384 19.04 -2.85 6.44
C ALA A 384 18.76 -4.29 6.78
N PHE A 385 19.49 -5.24 6.15
CA PHE A 385 19.19 -6.66 6.27
C PHE A 385 19.47 -7.18 7.68
N ARG A 386 20.40 -6.50 8.36
CA ARG A 386 20.85 -6.82 9.70
C ARG A 386 20.00 -6.15 10.79
N HIS A 387 19.39 -4.96 10.55
CA HIS A 387 18.75 -4.15 11.59
C HIS A 387 17.25 -3.96 11.39
N ALA A 388 16.74 -4.25 10.19
CA ALA A 388 15.34 -3.98 9.86
C ALA A 388 14.37 -4.63 10.85
N HIS A 389 14.72 -5.82 11.32
CA HIS A 389 13.86 -6.58 12.22
C HIS A 389 13.55 -5.79 13.50
N THR A 390 14.41 -4.82 13.84
CA THR A 390 14.32 -4.03 15.06
C THR A 390 13.27 -2.93 14.95
N LEU A 391 12.69 -2.73 13.74
CA LEU A 391 11.83 -1.60 13.46
C LEU A 391 10.42 -1.78 14.02
N ARG A 392 9.95 -3.02 14.06
CA ARG A 392 8.59 -3.32 14.49
C ARG A 392 8.54 -4.68 15.17
N ASP A 393 7.79 -4.76 16.30
CA ASP A 393 7.58 -6.01 17.03
C ASP A 393 6.88 -7.05 16.15
N ARG A 394 7.66 -7.70 15.25
CA ARG A 394 7.19 -8.74 14.34
C ARG A 394 8.24 -9.86 14.25
N CYS A 395 7.82 -11.09 14.64
CA CYS A 395 8.62 -12.30 14.47
C CYS A 395 8.59 -12.65 12.99
N THR A 396 9.69 -12.32 12.31
CA THR A 396 9.91 -12.61 10.91
C THR A 396 11.07 -13.58 10.79
N GLY A 397 11.17 -14.20 9.61
CA GLY A 397 12.39 -14.89 9.18
C GLY A 397 13.63 -14.06 9.49
N LEU A 398 13.53 -12.75 9.23
CA LEU A 398 14.58 -11.78 9.46
C LEU A 398 15.00 -11.72 10.94
N ARG A 399 14.04 -11.79 11.87
CA ARG A 399 14.32 -11.80 13.29
C ARG A 399 14.95 -13.13 13.74
N ILE A 400 14.39 -14.25 13.24
CA ILE A 400 14.92 -15.58 13.48
C ILE A 400 16.40 -15.63 13.12
N ILE A 401 16.77 -15.12 11.94
CA ILE A 401 18.18 -14.95 11.57
C ILE A 401 18.88 -14.09 12.61
N ASN A 402 18.60 -12.78 12.62
CA ASN A 402 19.51 -11.81 13.23
C ASN A 402 19.58 -11.93 14.76
N GLU A 403 18.69 -12.73 15.38
CA GLU A 403 18.75 -13.03 16.82
C GLU A 403 19.13 -14.50 17.06
N ASN A 404 20.22 -14.95 16.44
CA ASN A 404 20.71 -16.31 16.57
C ASN A 404 22.12 -16.44 16.02
N LYS A 405 23.11 -16.51 16.92
CA LYS A 405 24.46 -16.95 16.58
C LYS A 405 24.36 -18.39 16.06
N THR A 406 25.02 -18.66 14.92
CA THR A 406 24.90 -19.87 14.12
C THR A 406 24.11 -19.55 12.84
N LEU A 407 23.27 -18.50 12.89
CA LEU A 407 22.56 -18.00 11.72
C LEU A 407 23.01 -16.57 11.36
N ILE A 408 23.82 -15.94 12.21
CA ILE A 408 24.48 -14.67 11.92
C ILE A 408 25.85 -15.01 11.30
P 13P B . 4.04 -1.32 8.67
O1P 13P B . 4.26 0.14 8.99
O2P 13P B . 3.71 -2.14 9.91
O3P 13P B . 5.20 -1.86 7.85
O1 13P B . 2.79 -1.48 7.64
C1 13P B . 2.99 -1.22 6.23
C2 13P B . 1.71 -1.05 5.43
O2 13P B . 0.81 -0.33 5.83
C3 13P B . 1.54 -1.80 4.15
O3 13P B . 2.56 -1.51 3.22
PA NAI C . 4.10 9.43 -3.98
O1A NAI C . 3.09 10.51 -4.11
O2A NAI C . 5.07 9.57 -2.85
O5B NAI C . 4.90 9.29 -5.33
C5B NAI C . 4.21 9.39 -6.58
C4B NAI C . 4.87 10.45 -7.43
O4B NAI C . 4.28 10.37 -8.75
C3B NAI C . 4.63 11.91 -7.00
O3B NAI C . 5.68 12.78 -7.38
C2B NAI C . 3.31 12.24 -7.72
O2B NAI C . 3.11 13.60 -7.97
C1B NAI C . 3.48 11.51 -9.04
N9A NAI C . 2.24 11.04 -9.65
C8A NAI C . 1.17 10.48 -9.02
N7A NAI C . 0.23 10.09 -9.85
C5A NAI C . 0.72 10.41 -11.11
C6A NAI C . 0.19 10.29 -12.41
N6A NAI C . -1.01 9.76 -12.67
N1A NAI C . 0.93 10.74 -13.44
C2A NAI C . 2.13 11.26 -13.17
N3A NAI C . 2.73 11.45 -12.00
C4A NAI C . 1.96 11.01 -10.99
O3 NAI C . 3.29 8.07 -3.85
PN NAI C . 3.76 6.54 -3.87
O1N NAI C . 5.23 6.51 -4.13
O2N NAI C . 2.80 5.78 -4.74
O5D NAI C . 3.58 6.11 -2.35
C5D NAI C . 4.68 6.39 -1.46
C4D NAI C . 4.10 6.71 -0.12
O4D NAI C . 2.98 5.82 0.12
C3D NAI C . 5.00 6.51 1.10
O3D NAI C . 5.73 7.70 1.31
C2D NAI C . 4.00 6.22 2.22
O2D NAI C . 3.71 7.40 2.98
C1D NAI C . 2.72 5.79 1.50
N1N NAI C . 2.28 4.42 1.82
C2N NAI C . 1.57 4.18 2.96
C3N NAI C . 0.83 3.06 3.10
C7N NAI C . -0.15 3.05 4.21
O7N NAI C . -0.53 4.12 4.70
N7N NAI C . -0.58 1.88 4.65
C4N NAI C . 0.93 1.98 2.07
C5N NAI C . 1.87 2.26 0.99
C6N NAI C . 2.55 3.39 0.94
NI NI D . 3.38 -1.79 0.90
#